data_6NIB
#
_entry.id   6NIB
#
_cell.length_a   146.996
_cell.length_b   75.504
_cell.length_c   47.103
_cell.angle_alpha   90.00
_cell.angle_beta   108.56
_cell.angle_gamma   90.00
#
_symmetry.space_group_name_H-M   'C 1 2 1'
#
loop_
_entity.id
_entity.type
_entity.pdbx_description
1 polymer 'Porphyromonas-type peptidyl-arginine deiminase'
2 non-polymer GLYCEROL
3 non-polymer 'SODIUM ION'
4 non-polymer DI(HYDROXYETHYL)ETHER
5 water water
#
_entity_poly.entity_id   1
_entity_poly.type   'polypeptide(L)'
_entity_poly.pdbx_seq_one_letter_code
;SNAHGFHMPAEWEPHSQCWIGWPERADNWRDGAVHAQLVFTRVAAAISRFEKVTVCASSAQWENARNQLPDHVRVVEISS
NDSWFRDIGPTFVVRRETSKSDDAEHRIAGIDWTFNSWGGLEDGCYCDWSLDSLVKKKILDVERIPRFSHSMVLEGGSIH
VDGEGTCITTEECLLNKNRNPHLSKSQIEDELKAYLGVRKVIWLPRGLYGDDDTNGHVDNMCCFVRPGAVLLSWTDDKTD
PQYERSEEAYSLFSSVTDANGRKFEVIKLHVPGPLYMTEKEAAGVFQDDGAKPRLPGTRLAASYVNFYIANGAIIAPQFG
DKKWDDEAIRVLSKTFPHHEVVGIEGSREIVLSGGNIHCITQQQPAI
;
_entity_poly.pdbx_strand_id   A
#
loop_
_chem_comp.id
_chem_comp.type
_chem_comp.name
_chem_comp.formula
GOL non-polymer GLYCEROL 'C3 H8 O3'
NA non-polymer 'SODIUM ION' 'Na 1'
PEG non-polymer DI(HYDROXYETHYL)ETHER 'C4 H10 O3'
#
# COMPACT_ATOMS: atom_id res chain seq x y z
N GLY A 5 -12.52 20.87 5.50
CA GLY A 5 -11.22 21.36 5.87
C GLY A 5 -10.19 20.30 6.24
N PHE A 6 -10.50 19.02 6.01
CA PHE A 6 -9.52 17.98 6.29
C PHE A 6 -8.77 17.59 5.02
N HIS A 7 -7.53 17.12 5.18
CA HIS A 7 -6.79 16.61 4.04
C HIS A 7 -5.93 15.42 4.47
N MET A 8 -5.58 14.58 3.51
CA MET A 8 -4.67 13.45 3.77
C MET A 8 -3.22 13.97 3.74
N PRO A 9 -2.47 13.88 4.82
CA PRO A 9 -1.07 14.32 4.75
C PRO A 9 -0.21 13.31 3.99
N ALA A 10 0.97 13.74 3.55
CA ALA A 10 1.87 12.80 2.92
C ALA A 10 2.35 11.75 3.91
N GLU A 11 2.76 10.62 3.37
CA GLU A 11 3.21 9.51 4.20
C GLU A 11 4.49 9.85 4.98
N TRP A 12 5.32 10.77 4.49
CA TRP A 12 6.53 11.16 5.22
C TRP A 12 6.29 12.17 6.33
N GLU A 13 5.08 12.68 6.50
CA GLU A 13 4.81 13.60 7.59
C GLU A 13 4.68 12.79 8.88
N PRO A 14 4.79 13.43 10.05
CA PRO A 14 4.91 12.66 11.30
C PRO A 14 3.71 11.79 11.62
N HIS A 15 4.01 10.61 12.18
CA HIS A 15 3.00 9.63 12.56
C HIS A 15 2.96 9.49 14.09
N SER A 16 1.75 9.31 14.60
CA SER A 16 1.62 8.86 15.99
C SER A 16 1.71 7.33 16.10
N GLN A 17 1.34 6.56 15.07
CA GLN A 17 1.55 5.12 15.09
CA GLN A 17 1.18 5.11 15.14
C GLN A 17 1.26 4.57 13.71
N CYS A 18 1.57 3.29 13.59
CA CYS A 18 1.33 2.51 12.38
C CYS A 18 0.45 1.31 12.76
N TRP A 19 -0.54 1.01 11.91
CA TRP A 19 -1.45 -0.10 12.08
C TRP A 19 -1.08 -1.20 11.12
N ILE A 20 -1.02 -2.45 11.62
CA ILE A 20 -0.66 -3.61 10.83
C ILE A 20 -1.55 -4.76 11.24
N GLY A 21 -2.00 -5.58 10.31
CA GLY A 21 -2.74 -6.81 10.62
C GLY A 21 -1.81 -7.97 10.90
N TRP A 22 -2.32 -9.17 10.84
CA TRP A 22 -1.55 -10.36 11.24
C TRP A 22 -2.06 -11.48 10.38
N PRO A 23 -1.21 -12.12 9.57
CA PRO A 23 -1.70 -13.09 8.60
C PRO A 23 -1.97 -14.43 9.25
N GLU A 24 -2.95 -15.14 8.70
CA GLU A 24 -3.31 -16.46 9.28
C GLU A 24 -4.04 -17.38 8.30
N ARG A 25 -4.69 -16.87 7.25
CA ARG A 25 -5.55 -17.79 6.50
C ARG A 25 -4.72 -18.75 5.64
N ALA A 26 -4.96 -20.05 5.84
CA ALA A 26 -4.16 -21.10 5.23
C ALA A 26 -4.39 -21.18 3.73
N ASP A 27 -5.51 -20.65 3.24
CA ASP A 27 -5.79 -20.65 1.81
C ASP A 27 -5.18 -19.46 1.08
N ASN A 28 -4.43 -18.60 1.78
CA ASN A 28 -3.77 -17.52 1.10
C ASN A 28 -2.31 -17.41 1.45
N TRP A 29 -1.88 -18.04 2.53
CA TRP A 29 -0.51 -17.92 3.03
C TRP A 29 0.05 -19.32 3.20
N ARG A 30 1.19 -19.61 2.57
CA ARG A 30 1.66 -20.98 2.54
C ARG A 30 2.04 -21.45 3.95
N ASP A 31 1.82 -22.75 4.17
CA ASP A 31 2.13 -23.39 5.44
C ASP A 31 1.47 -22.68 6.62
N GLY A 32 0.18 -22.36 6.47
CA GLY A 32 -0.57 -21.79 7.58
C GLY A 32 -0.05 -20.45 8.03
N ALA A 33 0.57 -19.70 7.14
CA ALA A 33 1.10 -18.36 7.37
C ALA A 33 2.31 -18.34 8.27
N VAL A 34 2.94 -19.48 8.53
CA VAL A 34 4.06 -19.46 9.46
CA VAL A 34 4.06 -19.45 9.46
C VAL A 34 5.18 -18.56 8.94
N HIS A 35 5.47 -18.61 7.64
CA HIS A 35 6.56 -17.80 7.09
C HIS A 35 6.16 -16.33 7.04
N ALA A 36 4.90 -16.05 6.66
CA ALA A 36 4.48 -14.67 6.59
C ALA A 36 4.48 -14.01 7.95
N GLN A 37 4.10 -14.75 8.98
CA GLN A 37 4.08 -14.18 10.33
C GLN A 37 5.49 -13.74 10.74
N LEU A 38 6.53 -14.50 10.36
CA LEU A 38 7.88 -14.09 10.68
C LEU A 38 8.23 -12.77 10.04
N VAL A 39 7.74 -12.55 8.81
CA VAL A 39 8.07 -11.32 8.08
C VAL A 39 7.25 -10.16 8.60
N PHE A 40 5.94 -10.37 8.93
CA PHE A 40 5.15 -9.32 9.57
C PHE A 40 5.81 -8.89 10.87
N THR A 41 6.36 -9.84 11.67
CA THR A 41 7.05 -9.48 12.90
C THR A 41 8.26 -8.62 12.59
N ARG A 42 9.02 -9.01 11.55
CA ARG A 42 10.21 -8.27 11.15
C ARG A 42 9.87 -6.85 10.75
N VAL A 43 8.78 -6.67 9.97
CA VAL A 43 8.36 -5.35 9.53
C VAL A 43 7.90 -4.52 10.73
N ALA A 44 7.02 -5.08 11.58
CA ALA A 44 6.53 -4.34 12.73
C ALA A 44 7.67 -3.95 13.66
N ALA A 45 8.61 -4.86 13.89
CA ALA A 45 9.73 -4.57 14.77
C ALA A 45 10.59 -3.46 14.19
N ALA A 46 10.82 -3.48 12.88
CA ALA A 46 11.62 -2.43 12.25
C ALA A 46 10.92 -1.09 12.34
N ILE A 47 9.62 -1.04 12.01
CA ILE A 47 8.92 0.23 12.08
C ILE A 47 8.94 0.77 13.51
N SER A 48 8.81 -0.12 14.49
CA SER A 48 8.68 0.27 15.90
C SER A 48 9.95 0.93 16.45
N ARG A 49 11.07 0.87 15.75
CA ARG A 49 12.24 1.66 16.15
C ARG A 49 11.99 3.13 15.94
N PHE A 50 11.02 3.46 15.06
CA PHE A 50 10.83 4.82 14.58
C PHE A 50 9.51 5.43 15.00
N GLU A 51 8.47 4.61 15.19
CA GLU A 51 7.17 5.12 15.58
C GLU A 51 6.43 3.99 16.29
N LYS A 52 5.40 4.33 17.04
CA LYS A 52 4.66 3.29 17.75
CA LYS A 52 4.63 3.32 17.75
C LYS A 52 3.90 2.44 16.74
N VAL A 53 3.77 1.14 17.06
CA VAL A 53 3.09 0.19 16.17
C VAL A 53 1.98 -0.50 16.96
N THR A 54 0.83 -0.71 16.31
CA THR A 54 -0.21 -1.62 16.79
C THR A 54 -0.38 -2.71 15.76
N VAL A 55 -0.21 -3.98 16.19
CA VAL A 55 -0.56 -5.13 15.36
C VAL A 55 -1.89 -5.67 15.83
N CYS A 56 -2.75 -6.01 14.88
CA CYS A 56 -4.11 -6.45 15.16
C CYS A 56 -4.25 -7.89 14.72
N ALA A 57 -4.61 -8.76 15.66
CA ALA A 57 -4.70 -10.18 15.41
C ALA A 57 -6.08 -10.70 15.82
N SER A 58 -6.48 -11.85 15.25
CA SER A 58 -7.69 -12.49 15.68
C SER A 58 -7.51 -13.09 17.07
N SER A 59 -8.61 -13.50 17.69
CA SER A 59 -8.55 -14.22 18.95
C SER A 59 -7.66 -15.44 18.85
N ALA A 60 -7.77 -16.21 17.77
CA ALA A 60 -6.97 -17.42 17.65
C ALA A 60 -5.49 -17.15 17.53
N GLN A 61 -5.10 -15.95 17.06
CA GLN A 61 -3.72 -15.62 16.80
C GLN A 61 -3.13 -14.68 17.84
N TRP A 62 -3.94 -14.16 18.76
CA TRP A 62 -3.45 -13.07 19.62
C TRP A 62 -2.22 -13.51 20.39
N GLU A 63 -2.21 -14.71 20.98
CA GLU A 63 -1.05 -15.10 21.79
CA GLU A 63 -1.06 -15.13 21.78
C GLU A 63 0.20 -15.29 20.93
N ASN A 64 0.05 -15.86 19.73
CA ASN A 64 1.19 -16.00 18.82
C ASN A 64 1.76 -14.64 18.47
N ALA A 65 0.92 -13.70 18.04
CA ALA A 65 1.41 -12.36 17.72
C ALA A 65 2.08 -11.74 18.94
N ARG A 66 1.43 -11.84 20.11
CA ARG A 66 2.02 -11.25 21.31
C ARG A 66 3.38 -11.86 21.65
N ASN A 67 3.53 -13.17 21.44
CA ASN A 67 4.81 -13.81 21.69
C ASN A 67 5.87 -13.31 20.72
N GLN A 68 5.58 -13.30 19.42
CA GLN A 68 6.60 -12.97 18.44
C GLN A 68 7.03 -11.50 18.54
N LEU A 69 6.06 -10.57 18.80
CA LEU A 69 6.35 -9.15 18.70
C LEU A 69 7.03 -8.66 19.95
N PRO A 70 7.91 -7.66 19.85
CA PRO A 70 8.57 -7.12 21.05
C PRO A 70 7.59 -6.35 21.92
N ASP A 71 7.98 -6.19 23.19
CA ASP A 71 7.05 -5.73 24.23
C ASP A 71 6.49 -4.36 23.92
N HIS A 72 7.27 -3.49 23.27
CA HIS A 72 6.84 -2.12 23.00
C HIS A 72 5.90 -2.00 21.80
N VAL A 73 5.60 -3.10 21.08
CA VAL A 73 4.54 -3.12 20.06
C VAL A 73 3.25 -3.51 20.78
N ARG A 74 2.19 -2.77 20.51
CA ARG A 74 0.88 -3.07 21.09
C ARG A 74 0.21 -4.13 20.22
N VAL A 75 -0.45 -5.11 20.85
CA VAL A 75 -1.18 -6.16 20.14
C VAL A 75 -2.64 -6.09 20.59
N VAL A 76 -3.53 -5.84 19.64
CA VAL A 76 -4.96 -5.78 19.91
C VAL A 76 -5.66 -6.86 19.13
N GLU A 77 -6.87 -7.15 19.57
CA GLU A 77 -7.70 -8.16 18.89
C GLU A 77 -8.61 -7.42 17.92
N ILE A 78 -8.34 -7.53 16.63
CA ILE A 78 -9.32 -7.09 15.63
C ILE A 78 -9.39 -8.21 14.61
N SER A 79 -10.60 -8.78 14.45
N SER A 79 -10.56 -8.76 14.41
CA SER A 79 -10.89 -9.87 13.50
CA SER A 79 -10.62 -9.85 13.45
C SER A 79 -10.86 -9.32 12.06
C SER A 79 -10.80 -9.30 12.03
N SER A 80 -10.47 -10.14 11.09
CA SER A 80 -10.49 -9.72 9.72
C SER A 80 -10.54 -10.95 8.85
N ASN A 81 -10.87 -10.75 7.57
CA ASN A 81 -10.72 -11.86 6.63
C ASN A 81 -9.24 -12.05 6.28
N ASP A 82 -8.52 -10.96 6.00
CA ASP A 82 -7.11 -11.05 5.69
C ASP A 82 -6.38 -9.80 6.18
N SER A 83 -5.10 -9.76 5.95
CA SER A 83 -4.27 -8.83 6.68
C SER A 83 -3.60 -7.80 5.79
N TRP A 84 -4.38 -7.00 5.07
CA TRP A 84 -3.81 -5.97 4.16
C TRP A 84 -4.32 -4.62 4.59
N PHE A 85 -3.72 -4.10 5.67
CA PHE A 85 -4.30 -2.92 6.30
C PHE A 85 -4.12 -1.64 5.51
N ARG A 86 -3.25 -1.62 4.49
CA ARG A 86 -3.24 -0.46 3.60
C ARG A 86 -4.58 -0.30 2.91
N ASP A 87 -5.21 -1.40 2.60
CA ASP A 87 -6.45 -1.43 1.80
C ASP A 87 -7.71 -1.57 2.67
N ILE A 88 -7.59 -2.22 3.84
CA ILE A 88 -8.78 -2.43 4.68
C ILE A 88 -8.73 -1.58 5.94
N GLY A 89 -7.63 -0.85 6.24
CA GLY A 89 -7.63 0.10 7.32
C GLY A 89 -8.24 1.40 6.88
N PRO A 90 -8.49 2.31 7.82
CA PRO A 90 -9.04 3.63 7.47
C PRO A 90 -7.96 4.50 6.84
N THR A 91 -8.38 5.47 6.02
CA THR A 91 -7.43 6.50 5.54
C THR A 91 -7.62 7.72 6.43
N PHE A 92 -6.61 8.05 7.20
CA PHE A 92 -6.70 9.17 8.13
C PHE A 92 -6.50 10.51 7.40
N VAL A 93 -7.26 11.51 7.84
CA VAL A 93 -7.19 12.89 7.37
C VAL A 93 -7.07 13.81 8.58
N VAL A 94 -6.47 14.98 8.36
CA VAL A 94 -6.17 15.92 9.45
C VAL A 94 -6.70 17.30 9.09
N ARG A 95 -6.96 18.10 10.13
CA ARG A 95 -7.38 19.48 9.97
C ARG A 95 -6.52 20.24 10.97
N ARG A 96 -5.54 20.98 10.48
CA ARG A 96 -4.58 21.63 11.37
C ARG A 96 -4.98 23.02 11.87
N GLU A 105 -12.40 21.29 18.73
CA GLU A 105 -12.81 20.71 17.44
C GLU A 105 -11.87 19.57 17.00
N HIS A 106 -12.40 18.59 16.30
CA HIS A 106 -11.58 17.44 15.94
C HIS A 106 -10.51 17.86 14.94
N ARG A 107 -9.29 17.33 15.14
CA ARG A 107 -8.15 17.61 14.22
C ARG A 107 -7.76 16.37 13.41
N ILE A 108 -8.38 15.22 13.67
CA ILE A 108 -8.09 14.00 12.91
C ILE A 108 -9.41 13.26 12.73
N ALA A 109 -9.56 12.60 11.59
CA ALA A 109 -10.71 11.78 11.28
C ALA A 109 -10.22 10.63 10.42
N GLY A 110 -11.05 9.60 10.27
CA GLY A 110 -10.72 8.52 9.38
C GLY A 110 -11.80 8.32 8.33
N ILE A 111 -11.40 8.13 7.08
CA ILE A 111 -12.36 7.84 6.01
C ILE A 111 -12.62 6.35 5.92
N ASP A 112 -13.88 5.97 6.00
CA ASP A 112 -14.27 4.57 5.90
C ASP A 112 -14.82 4.36 4.48
N TRP A 113 -13.91 4.23 3.53
N TRP A 113 -13.91 4.18 3.54
CA TRP A 113 -14.29 3.90 2.15
CA TRP A 113 -14.31 3.83 2.18
C TRP A 113 -14.89 2.50 2.12
C TRP A 113 -15.00 2.49 2.19
N THR A 114 -15.81 2.24 1.18
CA THR A 114 -16.37 0.90 1.06
C THR A 114 -15.30 -0.05 0.51
N PHE A 115 -15.26 -1.26 1.05
CA PHE A 115 -14.38 -2.34 0.58
C PHE A 115 -15.23 -3.37 -0.15
N ASN A 116 -14.70 -3.90 -1.25
CA ASN A 116 -15.41 -4.98 -1.93
C ASN A 116 -14.48 -6.09 -2.37
N SER A 117 -13.38 -6.31 -1.63
CA SER A 117 -12.47 -7.40 -1.92
C SER A 117 -11.81 -7.19 -3.28
N TRP A 118 -11.39 -5.95 -3.55
CA TRP A 118 -10.64 -5.64 -4.78
C TRP A 118 -11.39 -6.08 -6.03
N GLY A 119 -12.69 -5.72 -6.09
CA GLY A 119 -13.66 -5.91 -7.19
C GLY A 119 -14.15 -7.33 -7.21
N GLY A 120 -14.38 -7.88 -6.02
CA GLY A 120 -14.31 -9.33 -5.88
C GLY A 120 -15.54 -10.10 -6.28
N LEU A 121 -16.73 -9.50 -6.24
CA LEU A 121 -17.92 -10.15 -6.79
C LEU A 121 -17.61 -10.71 -8.19
N GLU A 122 -17.34 -9.81 -9.14
CA GLU A 122 -16.82 -10.22 -10.45
C GLU A 122 -15.42 -10.81 -10.30
N CYS A 127 -14.42 -15.25 -0.92
CA CYS A 127 -15.55 -14.49 -1.49
C CYS A 127 -16.34 -13.84 -0.36
N ASP A 128 -15.75 -13.82 0.84
CA ASP A 128 -16.41 -13.15 1.96
C ASP A 128 -15.49 -12.05 2.46
N TRP A 129 -15.99 -10.81 2.49
CA TRP A 129 -15.19 -9.70 2.97
C TRP A 129 -15.90 -8.95 4.10
N SER A 130 -16.89 -9.55 4.75
CA SER A 130 -17.68 -8.79 5.71
CA SER A 130 -17.69 -8.80 5.71
C SER A 130 -16.85 -8.39 6.93
N LEU A 131 -15.93 -9.25 7.38
CA LEU A 131 -15.09 -8.87 8.51
C LEU A 131 -14.09 -7.82 8.09
N ASP A 132 -13.49 -7.98 6.91
CA ASP A 132 -12.58 -6.96 6.40
C ASP A 132 -13.25 -5.60 6.32
N SER A 133 -14.54 -5.57 5.93
N SER A 133 -14.54 -5.58 5.96
CA SER A 133 -15.22 -4.29 5.83
CA SER A 133 -15.25 -4.32 5.82
C SER A 133 -15.26 -3.56 7.17
C SER A 133 -15.42 -3.59 7.15
N LEU A 134 -15.30 -4.27 8.28
CA LEU A 134 -15.46 -3.62 9.60
C LEU A 134 -14.14 -3.08 10.17
N VAL A 135 -13.00 -3.38 9.53
CA VAL A 135 -11.72 -3.01 10.12
C VAL A 135 -11.61 -1.50 10.28
N LYS A 136 -12.07 -0.73 9.26
CA LYS A 136 -11.92 0.72 9.34
C LYS A 136 -12.62 1.24 10.58
N LYS A 137 -13.92 0.91 10.75
CA LYS A 137 -14.64 1.45 11.88
C LYS A 137 -14.10 0.90 13.19
N LYS A 138 -13.60 -0.35 13.23
CA LYS A 138 -13.07 -0.87 14.50
C LYS A 138 -11.85 -0.12 14.94
N ILE A 139 -10.91 0.17 14.02
CA ILE A 139 -9.70 0.91 14.39
C ILE A 139 -10.09 2.31 14.89
N LEU A 140 -11.01 2.98 14.19
CA LEU A 140 -11.41 4.33 14.60
C LEU A 140 -12.13 4.31 15.95
N ASP A 141 -12.84 3.22 16.25
CA ASP A 141 -13.51 3.09 17.53
C ASP A 141 -12.45 2.92 18.65
N VAL A 142 -11.43 2.07 18.43
CA VAL A 142 -10.34 1.93 19.42
C VAL A 142 -9.75 3.30 19.74
N GLU A 143 -9.48 4.12 18.70
CA GLU A 143 -8.81 5.41 18.86
C GLU A 143 -9.76 6.54 19.24
N ARG A 144 -11.04 6.24 19.28
CA ARG A 144 -12.04 7.34 19.48
CA ARG A 144 -12.04 7.34 19.48
C ARG A 144 -11.88 8.58 18.51
N ILE A 145 -11.66 8.18 17.22
CA ILE A 145 -11.46 9.15 16.15
C ILE A 145 -12.70 9.16 15.27
N PRO A 146 -13.24 10.33 14.93
CA PRO A 146 -14.46 10.38 14.11
C PRO A 146 -14.29 9.69 12.77
N ARG A 147 -15.37 9.06 12.29
CA ARG A 147 -15.39 8.31 11.06
C ARG A 147 -16.24 9.05 10.01
N PHE A 148 -15.69 9.19 8.80
CA PHE A 148 -16.41 9.73 7.65
C PHE A 148 -16.71 8.54 6.75
N SER A 149 -17.96 8.09 6.68
CA SER A 149 -18.22 6.95 5.81
CA SER A 149 -18.29 6.95 5.82
CA SER A 149 -18.30 6.95 5.83
C SER A 149 -18.43 7.39 4.36
N HIS A 150 -18.04 6.51 3.46
CA HIS A 150 -18.20 6.81 2.03
C HIS A 150 -18.77 5.59 1.34
N SER A 151 -19.77 5.80 0.51
CA SER A 151 -20.34 4.69 -0.25
C SER A 151 -19.46 4.26 -1.39
N MET A 152 -18.53 5.07 -1.86
CA MET A 152 -17.65 4.69 -2.97
CA MET A 152 -17.72 4.62 -2.98
C MET A 152 -16.68 3.61 -2.52
N VAL A 153 -16.44 2.62 -3.39
CA VAL A 153 -15.42 1.61 -3.12
C VAL A 153 -14.06 2.25 -3.32
N LEU A 154 -13.15 2.08 -2.36
CA LEU A 154 -11.78 2.54 -2.57
C LEU A 154 -10.87 1.79 -1.62
N GLU A 155 -9.63 1.49 -2.05
CA GLU A 155 -8.60 0.95 -1.18
C GLU A 155 -7.48 1.96 -1.05
N GLY A 156 -6.88 2.08 0.14
CA GLY A 156 -5.81 3.03 0.34
C GLY A 156 -4.61 2.78 -0.59
N GLY A 157 -4.37 1.52 -1.02
CA GLY A 157 -3.25 1.28 -1.91
C GLY A 157 -3.43 1.84 -3.30
N SER A 158 -4.64 2.30 -3.64
CA SER A 158 -4.92 2.74 -4.99
C SER A 158 -4.68 4.23 -5.18
N ILE A 159 -4.33 4.98 -4.14
CA ILE A 159 -4.08 6.40 -4.25
CA ILE A 159 -4.11 6.42 -4.17
C ILE A 159 -2.79 6.74 -3.51
N HIS A 160 -2.17 7.84 -3.89
CA HIS A 160 -0.99 8.34 -3.21
C HIS A 160 -1.07 9.87 -3.23
N VAL A 161 -0.58 10.53 -2.16
CA VAL A 161 -0.70 11.98 -2.07
C VAL A 161 0.63 12.59 -1.66
N ASP A 162 0.80 13.88 -1.98
CA ASP A 162 1.98 14.62 -1.57
C ASP A 162 1.75 15.53 -0.37
N GLY A 163 0.50 15.60 0.14
CA GLY A 163 0.16 16.50 1.24
C GLY A 163 0.15 17.96 0.86
N GLU A 164 0.28 18.28 -0.43
CA GLU A 164 0.30 19.65 -0.93
C GLU A 164 -0.68 19.77 -2.09
N GLY A 165 -1.74 18.97 -2.10
CA GLY A 165 -2.80 19.12 -3.06
C GLY A 165 -2.78 18.21 -4.27
N THR A 166 -1.79 17.31 -4.39
CA THR A 166 -1.75 16.42 -5.55
C THR A 166 -1.99 14.97 -5.12
N CYS A 167 -2.72 14.23 -5.94
CA CYS A 167 -2.92 12.80 -5.78
C CYS A 167 -2.54 12.11 -7.08
N ILE A 168 -1.94 10.94 -6.98
CA ILE A 168 -1.66 10.05 -8.10
CA ILE A 168 -1.72 10.08 -8.13
C ILE A 168 -2.48 8.78 -7.93
N THR A 169 -2.99 8.24 -9.04
CA THR A 169 -3.77 7.02 -9.04
C THR A 169 -3.60 6.30 -10.37
N THR A 170 -4.31 5.17 -10.54
CA THR A 170 -4.33 4.51 -11.85
C THR A 170 -5.76 4.36 -12.37
N GLU A 171 -5.90 4.55 -13.69
CA GLU A 171 -7.18 4.26 -14.32
C GLU A 171 -7.48 2.77 -14.29
N GLU A 172 -6.44 1.94 -14.41
CA GLU A 172 -6.61 0.49 -14.40
C GLU A 172 -7.41 0.03 -13.20
N CYS A 173 -7.15 0.63 -12.04
CA CYS A 173 -7.89 0.29 -10.84
C CYS A 173 -9.20 1.07 -10.75
N LEU A 174 -9.10 2.41 -10.62
CA LEU A 174 -10.28 3.16 -10.20
C LEU A 174 -11.38 3.18 -11.26
N LEU A 175 -11.04 3.01 -12.54
CA LEU A 175 -12.06 3.01 -13.57
C LEU A 175 -12.49 1.61 -13.92
N ASN A 176 -12.00 0.58 -13.25
CA ASN A 176 -12.44 -0.76 -13.56
C ASN A 176 -13.93 -0.88 -13.21
N LYS A 177 -14.68 -1.58 -14.03
CA LYS A 177 -16.10 -1.78 -13.74
C LYS A 177 -16.34 -2.60 -12.48
N ASN A 178 -15.30 -3.22 -11.93
CA ASN A 178 -15.48 -3.98 -10.68
C ASN A 178 -15.41 -3.11 -9.44
N ARG A 179 -15.21 -1.79 -9.59
CA ARG A 179 -15.09 -0.88 -8.44
C ARG A 179 -16.37 -0.05 -8.30
N ASN A 180 -16.48 1.03 -9.08
CA ASN A 180 -17.61 1.96 -8.96
C ASN A 180 -18.22 2.21 -10.33
N PRO A 181 -18.88 1.20 -10.90
CA PRO A 181 -19.42 1.37 -12.25
C PRO A 181 -20.56 2.39 -12.31
N HIS A 182 -21.12 2.81 -11.18
CA HIS A 182 -22.12 3.89 -11.17
C HIS A 182 -21.46 5.26 -11.43
N LEU A 183 -20.14 5.38 -11.34
CA LEU A 183 -19.47 6.66 -11.36
C LEU A 183 -18.61 6.83 -12.60
N SER A 184 -18.57 8.05 -13.14
CA SER A 184 -17.62 8.38 -14.18
C SER A 184 -16.28 8.78 -13.57
N LYS A 185 -15.24 8.85 -14.41
CA LYS A 185 -13.96 9.37 -13.95
C LYS A 185 -14.09 10.72 -13.24
N SER A 186 -14.89 11.64 -13.80
CA SER A 186 -15.07 12.94 -13.16
CA SER A 186 -15.03 12.93 -13.15
C SER A 186 -15.68 12.82 -11.77
N GLN A 187 -16.68 11.95 -11.62
CA GLN A 187 -17.31 11.78 -10.32
C GLN A 187 -16.31 11.21 -9.32
N ILE A 188 -15.52 10.20 -9.74
CA ILE A 188 -14.54 9.63 -8.84
C ILE A 188 -13.52 10.69 -8.45
N GLU A 189 -13.02 11.44 -9.44
CA GLU A 189 -12.05 12.48 -9.17
C GLU A 189 -12.59 13.50 -8.17
N ASP A 190 -13.87 13.86 -8.30
CA ASP A 190 -14.42 14.83 -7.37
C ASP A 190 -14.50 14.30 -5.94
N GLU A 191 -14.74 13.00 -5.77
CA GLU A 191 -14.74 12.42 -4.41
C GLU A 191 -13.33 12.44 -3.85
N LEU A 192 -12.33 12.08 -4.66
CA LEU A 192 -10.95 12.13 -4.19
C LEU A 192 -10.59 13.55 -3.78
N LYS A 193 -10.95 14.52 -4.62
CA LYS A 193 -10.65 15.91 -4.27
C LYS A 193 -11.27 16.29 -2.94
N ALA A 194 -12.56 15.97 -2.75
CA ALA A 194 -13.27 16.41 -1.56
C ALA A 194 -12.79 15.70 -0.31
N TYR A 195 -12.52 14.40 -0.39
CA TYR A 195 -12.21 13.61 0.80
C TYR A 195 -10.73 13.59 1.12
N LEU A 196 -9.84 13.62 0.12
CA LEU A 196 -8.43 13.66 0.40
C LEU A 196 -7.93 15.08 0.52
N GLY A 197 -8.74 16.09 0.19
CA GLY A 197 -8.28 17.46 0.24
C GLY A 197 -7.25 17.77 -0.84
N VAL A 198 -7.48 17.28 -2.06
CA VAL A 198 -6.56 17.51 -3.16
C VAL A 198 -7.23 18.35 -4.24
N ARG A 199 -6.37 19.00 -5.01
CA ARG A 199 -6.80 19.87 -6.08
C ARG A 199 -6.45 19.33 -7.47
N LYS A 200 -5.58 18.33 -7.58
CA LYS A 200 -5.30 17.79 -8.91
C LYS A 200 -5.04 16.30 -8.72
N VAL A 201 -5.64 15.49 -9.59
CA VAL A 201 -5.42 14.05 -9.59
C VAL A 201 -4.71 13.71 -10.91
N ILE A 202 -3.55 13.03 -10.80
CA ILE A 202 -2.77 12.54 -11.95
CA ILE A 202 -2.86 12.57 -11.98
C ILE A 202 -3.17 11.09 -12.18
N TRP A 203 -3.72 10.77 -13.37
CA TRP A 203 -4.24 9.41 -13.64
C TRP A 203 -3.23 8.68 -14.51
N LEU A 204 -2.40 7.83 -13.91
CA LEU A 204 -1.60 6.91 -14.71
C LEU A 204 -2.57 5.94 -15.37
N PRO A 205 -2.38 5.61 -16.64
CA PRO A 205 -3.29 4.62 -17.23
C PRO A 205 -3.21 3.28 -16.53
N ARG A 206 -2.00 2.83 -16.16
CA ARG A 206 -1.81 1.44 -15.75
C ARG A 206 -0.88 1.36 -14.56
N GLY A 207 -1.12 0.38 -13.72
CA GLY A 207 -0.19 0.01 -12.66
C GLY A 207 0.82 -1.03 -13.08
N LEU A 208 1.32 -1.78 -12.12
CA LEU A 208 2.37 -2.77 -12.38
C LEU A 208 1.80 -3.94 -13.17
N TYR A 209 2.51 -4.39 -14.20
CA TYR A 209 2.12 -5.62 -14.87
C TYR A 209 2.09 -6.77 -13.87
N GLY A 210 1.07 -7.62 -14.00
CA GLY A 210 0.98 -8.77 -13.15
C GLY A 210 0.19 -8.55 -11.88
N ASP A 211 -0.23 -7.32 -11.61
CA ASP A 211 -0.95 -6.97 -10.38
C ASP A 211 -2.47 -7.11 -10.62
N ASP A 212 -2.87 -8.32 -11.01
CA ASP A 212 -4.25 -8.54 -11.41
C ASP A 212 -5.15 -8.57 -10.18
N ASP A 213 -4.63 -8.95 -9.02
CA ASP A 213 -5.49 -9.04 -7.84
C ASP A 213 -6.04 -7.69 -7.46
N THR A 214 -5.22 -6.66 -7.56
CA THR A 214 -5.72 -5.32 -7.15
C THR A 214 -6.16 -4.49 -8.36
N ASN A 215 -5.91 -5.00 -9.59
CA ASN A 215 -6.11 -4.24 -10.82
C ASN A 215 -5.21 -3.01 -10.84
N GLY A 216 -3.92 -3.22 -10.53
CA GLY A 216 -2.97 -2.15 -10.79
C GLY A 216 -2.92 -1.05 -9.79
N HIS A 217 -2.95 -1.38 -8.50
CA HIS A 217 -2.82 -0.32 -7.46
C HIS A 217 -1.62 0.58 -7.73
N VAL A 218 -1.80 1.88 -7.57
CA VAL A 218 -0.71 2.82 -7.74
C VAL A 218 0.44 2.51 -6.80
N ASP A 219 0.19 2.00 -5.57
CA ASP A 219 1.29 1.81 -4.60
C ASP A 219 2.29 0.75 -5.00
N ASN A 220 1.92 0.00 -6.03
CA ASN A 220 2.96 -0.90 -6.62
CA ASN A 220 2.95 -0.93 -6.62
C ASN A 220 3.67 -0.37 -7.92
N MET A 221 3.25 0.83 -8.30
CA MET A 221 3.70 1.40 -9.56
C MET A 221 4.53 2.66 -9.30
N CYS A 222 4.07 3.58 -8.48
CA CYS A 222 4.80 4.81 -8.26
CA CYS A 222 4.69 4.88 -8.34
C CYS A 222 4.32 5.46 -6.99
N CYS A 223 5.22 6.23 -6.37
CA CYS A 223 4.85 6.94 -5.14
C CYS A 223 5.61 8.26 -5.10
N PHE A 224 5.12 9.19 -4.29
CA PHE A 224 5.86 10.42 -4.03
C PHE A 224 7.07 10.19 -3.14
N VAL A 225 8.13 10.94 -3.46
CA VAL A 225 9.31 11.08 -2.59
C VAL A 225 9.18 12.33 -1.73
N ARG A 226 8.72 13.37 -2.38
CA ARG A 226 8.53 14.71 -1.83
CA ARG A 226 8.51 14.70 -1.82
C ARG A 226 7.60 15.41 -2.80
N PRO A 227 7.05 16.56 -2.44
CA PRO A 227 6.25 17.26 -3.47
C PRO A 227 7.10 17.52 -4.71
N GLY A 228 6.56 17.17 -5.88
CA GLY A 228 7.27 17.35 -7.13
C GLY A 228 8.20 16.23 -7.56
N ALA A 229 8.28 15.11 -6.82
CA ALA A 229 9.20 14.05 -7.19
C ALA A 229 8.59 12.71 -6.88
N VAL A 230 8.72 11.74 -7.80
CA VAL A 230 8.16 10.40 -7.63
C VAL A 230 9.24 9.35 -7.91
N LEU A 231 9.07 8.19 -7.29
CA LEU A 231 9.74 6.95 -7.66
C LEU A 231 8.79 6.15 -8.56
N LEU A 232 9.33 5.56 -9.64
CA LEU A 232 8.53 4.86 -10.62
C LEU A 232 9.13 3.48 -10.81
N SER A 233 8.28 2.44 -10.67
CA SER A 233 8.70 1.08 -10.99
C SER A 233 9.21 1.05 -12.42
N TRP A 234 10.35 0.39 -12.65
CA TRP A 234 11.01 0.52 -13.95
C TRP A 234 11.63 -0.81 -14.33
N THR A 235 11.71 -1.08 -15.66
CA THR A 235 12.64 -2.10 -16.16
C THR A 235 13.35 -1.56 -17.39
N ASP A 236 14.63 -1.91 -17.49
CA ASP A 236 15.37 -1.61 -18.71
C ASP A 236 15.08 -2.60 -19.82
N ASP A 237 14.39 -3.70 -19.56
CA ASP A 237 14.12 -4.76 -20.54
C ASP A 237 12.90 -4.39 -21.36
N LYS A 238 13.14 -3.92 -22.59
CA LYS A 238 12.05 -3.52 -23.47
C LYS A 238 11.21 -4.69 -23.94
N THR A 239 11.68 -5.94 -23.77
CA THR A 239 10.86 -7.10 -24.13
C THR A 239 9.88 -7.52 -23.04
N ASP A 240 9.99 -6.95 -21.84
CA ASP A 240 9.12 -7.35 -20.75
C ASP A 240 7.87 -6.49 -20.78
N PRO A 241 6.70 -7.05 -20.46
CA PRO A 241 5.45 -6.26 -20.51
C PRO A 241 5.43 -5.10 -19.53
N GLN A 242 6.30 -5.07 -18.50
CA GLN A 242 6.30 -3.88 -17.63
C GLN A 242 6.78 -2.66 -18.38
N TYR A 243 7.62 -2.82 -19.40
CA TYR A 243 8.30 -1.68 -20.01
C TYR A 243 7.27 -0.66 -20.53
N GLU A 244 6.30 -1.14 -21.31
N GLU A 244 6.29 -1.12 -21.30
CA GLU A 244 5.34 -0.22 -21.91
CA GLU A 244 5.37 -0.16 -21.91
C GLU A 244 4.59 0.58 -20.84
C GLU A 244 4.55 0.59 -20.84
N ARG A 245 4.26 -0.07 -19.71
CA ARG A 245 3.52 0.63 -18.62
C ARG A 245 4.42 1.70 -17.97
N SER A 246 5.65 1.34 -17.68
CA SER A 246 6.55 2.29 -17.04
C SER A 246 6.87 3.45 -17.96
N GLU A 247 7.07 3.16 -19.23
CA GLU A 247 7.37 4.21 -20.20
C GLU A 247 6.18 5.16 -20.34
N GLU A 248 4.98 4.60 -20.36
CA GLU A 248 3.79 5.44 -20.46
C GLU A 248 3.66 6.35 -19.24
N ALA A 249 3.95 5.83 -18.06
CA ALA A 249 3.88 6.64 -16.84
C ALA A 249 4.98 7.71 -16.85
N TYR A 250 6.20 7.33 -17.28
CA TYR A 250 7.29 8.28 -17.36
C TYR A 250 6.92 9.42 -18.29
N SER A 251 6.34 9.11 -19.44
CA SER A 251 5.94 10.14 -20.39
CA SER A 251 5.94 10.13 -20.40
C SER A 251 4.86 11.04 -19.81
N LEU A 252 3.90 10.47 -19.09
CA LEU A 252 2.87 11.29 -18.47
CA LEU A 252 2.86 11.30 -18.47
C LEU A 252 3.46 12.25 -17.45
N PHE A 253 4.28 11.74 -16.54
CA PHE A 253 4.90 12.61 -15.55
C PHE A 253 5.71 13.72 -16.19
N SER A 254 6.35 13.44 -17.31
CA SER A 254 7.18 14.44 -17.99
CA SER A 254 7.18 14.43 -18.01
C SER A 254 6.35 15.46 -18.77
N SER A 255 5.03 15.30 -18.82
CA SER A 255 4.17 16.13 -19.63
CA SER A 255 4.17 16.15 -19.64
C SER A 255 3.19 16.97 -18.83
N VAL A 256 3.12 16.81 -17.49
CA VAL A 256 2.13 17.48 -16.67
C VAL A 256 2.82 18.13 -15.48
N THR A 257 2.10 19.04 -14.84
CA THR A 257 2.54 19.62 -13.58
C THR A 257 1.63 19.16 -12.44
N ASP A 258 2.13 19.35 -11.23
CA ASP A 258 1.35 19.04 -10.05
C ASP A 258 0.34 20.15 -9.72
N ALA A 259 -0.40 19.98 -8.60
CA ALA A 259 -1.45 20.92 -8.25
C ALA A 259 -0.90 22.32 -8.00
N ASN A 260 0.40 22.47 -7.70
CA ASN A 260 1.00 23.76 -7.40
C ASN A 260 1.84 24.25 -8.58
N GLY A 261 1.74 23.63 -9.75
CA GLY A 261 2.45 24.08 -10.91
C GLY A 261 3.91 23.69 -10.96
N ARG A 262 4.33 22.65 -10.22
CA ARG A 262 5.69 22.15 -10.32
C ARG A 262 5.79 21.05 -11.38
N LYS A 263 6.94 21.00 -12.06
CA LYS A 263 7.23 19.84 -12.90
C LYS A 263 7.63 18.68 -12.01
N PHE A 264 7.52 17.48 -12.55
CA PHE A 264 7.90 16.29 -11.79
C PHE A 264 9.33 15.87 -12.07
N GLU A 265 10.04 15.51 -11.01
CA GLU A 265 11.24 14.70 -11.13
C GLU A 265 10.84 13.23 -10.99
N VAL A 266 11.31 12.38 -11.91
CA VAL A 266 11.01 10.96 -11.86
C VAL A 266 12.31 10.20 -11.59
N ILE A 267 12.30 9.36 -10.57
CA ILE A 267 13.44 8.51 -10.22
C ILE A 267 13.04 7.07 -10.49
N LYS A 268 13.81 6.37 -11.32
CA LYS A 268 13.48 4.99 -11.67
C LYS A 268 13.90 4.04 -10.57
N LEU A 269 13.06 3.06 -10.25
CA LEU A 269 13.38 2.06 -9.22
C LEU A 269 13.14 0.70 -9.88
N HIS A 270 14.23 -0.02 -10.19
CA HIS A 270 14.16 -1.17 -11.09
C HIS A 270 13.55 -2.38 -10.39
N VAL A 271 12.54 -2.98 -11.01
CA VAL A 271 11.86 -4.17 -10.48
C VAL A 271 12.83 -5.37 -10.42
N PRO A 272 12.63 -6.29 -9.48
CA PRO A 272 13.47 -7.50 -9.44
C PRO A 272 13.00 -8.49 -10.50
N GLY A 273 13.78 -9.56 -10.65
CA GLY A 273 13.32 -10.70 -11.39
C GLY A 273 13.23 -10.44 -12.88
N PRO A 274 12.09 -10.79 -13.51
CA PRO A 274 10.82 -11.20 -12.87
CA PRO A 274 10.82 -11.22 -12.92
C PRO A 274 10.93 -12.44 -11.99
N LEU A 275 10.05 -12.49 -11.00
CA LEU A 275 9.99 -13.54 -10.00
C LEU A 275 8.72 -14.36 -10.23
N TYR A 276 8.80 -15.67 -9.94
CA TYR A 276 7.71 -16.60 -10.24
C TYR A 276 7.54 -17.54 -9.07
N MET A 277 6.28 -17.80 -8.70
CA MET A 277 6.01 -18.74 -7.61
CA MET A 277 5.97 -18.76 -7.64
C MET A 277 6.56 -20.11 -7.97
N THR A 278 7.18 -20.77 -6.99
CA THR A 278 7.70 -22.10 -7.26
C THR A 278 6.61 -23.16 -7.00
N GLU A 279 6.87 -24.38 -7.46
CA GLU A 279 6.01 -25.50 -7.08
C GLU A 279 5.93 -25.65 -5.57
N LYS A 280 7.06 -25.55 -4.86
CA LYS A 280 7.04 -25.71 -3.41
C LYS A 280 6.20 -24.60 -2.74
N GLU A 281 6.32 -23.37 -3.22
CA GLU A 281 5.53 -22.29 -2.63
C GLU A 281 4.04 -22.50 -2.88
N ALA A 282 3.66 -22.89 -4.09
CA ALA A 282 2.24 -23.05 -4.40
C ALA A 282 1.65 -24.22 -3.61
N ALA A 283 2.44 -25.29 -3.41
CA ALA A 283 1.94 -26.50 -2.77
C ALA A 283 1.57 -26.29 -1.31
N GLY A 284 2.13 -25.25 -0.69
CA GLY A 284 1.94 -24.94 0.71
C GLY A 284 0.66 -24.21 1.01
N VAL A 285 -0.07 -23.78 -0.03
CA VAL A 285 -1.29 -23.01 0.15
C VAL A 285 -2.48 -23.97 0.01
N PHE A 286 -3.40 -23.93 0.96
CA PHE A 286 -4.50 -24.89 1.04
C PHE A 286 -5.60 -24.55 0.05
N PRO A 293 -6.89 -19.25 -5.61
CA PRO A 293 -5.85 -20.30 -5.70
C PRO A 293 -4.52 -19.74 -6.17
N ARG A 294 -3.44 -20.33 -5.68
CA ARG A 294 -2.08 -19.83 -5.92
C ARG A 294 -1.33 -20.89 -6.73
N LEU A 295 -0.91 -20.55 -7.96
CA LEU A 295 -0.51 -21.60 -8.90
C LEU A 295 0.99 -21.60 -9.17
N PRO A 296 1.58 -22.78 -9.40
CA PRO A 296 3.03 -22.81 -9.71
C PRO A 296 3.32 -21.99 -10.96
N GLY A 297 4.40 -21.21 -10.92
CA GLY A 297 4.85 -20.39 -12.02
C GLY A 297 4.23 -19.02 -12.10
N THR A 298 3.26 -18.69 -11.25
CA THR A 298 2.62 -17.37 -11.29
C THR A 298 3.66 -16.25 -11.19
N ARG A 299 3.62 -15.30 -12.11
CA ARG A 299 4.48 -14.15 -11.98
C ARG A 299 4.08 -13.33 -10.76
N LEU A 300 5.07 -12.96 -9.97
CA LEU A 300 4.83 -12.21 -8.74
C LEU A 300 4.83 -10.71 -9.06
N ALA A 301 3.87 -10.00 -8.47
CA ALA A 301 3.72 -8.56 -8.71
C ALA A 301 4.68 -7.80 -7.79
N ALA A 302 5.98 -7.88 -8.10
CA ALA A 302 7.02 -7.44 -7.18
C ALA A 302 7.61 -6.12 -7.63
N SER A 303 7.63 -5.15 -6.72
CA SER A 303 8.28 -3.87 -6.99
C SER A 303 8.81 -3.30 -5.67
N TYR A 304 10.00 -2.71 -5.70
CA TYR A 304 10.54 -2.04 -4.51
C TYR A 304 9.78 -0.78 -4.18
N VAL A 305 8.91 -0.28 -5.07
CA VAL A 305 8.10 0.89 -4.77
CA VAL A 305 8.16 0.90 -4.71
C VAL A 305 7.17 0.65 -3.60
N ASN A 306 6.88 -0.62 -3.33
CA ASN A 306 5.91 -0.94 -2.25
C ASN A 306 6.63 -0.94 -0.88
N PHE A 307 7.21 0.19 -0.52
CA PHE A 307 7.89 0.40 0.75
C PHE A 307 7.02 1.28 1.64
N TYR A 308 7.31 1.32 2.95
CA TYR A 308 6.59 2.20 3.87
C TYR A 308 7.52 3.29 4.38
N ILE A 309 7.04 4.52 4.43
CA ILE A 309 7.80 5.60 5.04
C ILE A 309 7.36 5.72 6.48
N ALA A 310 8.26 5.40 7.44
CA ALA A 310 7.97 5.58 8.86
C ALA A 310 8.66 6.89 9.26
N ASN A 311 8.49 7.33 10.52
CA ASN A 311 9.13 8.58 10.95
C ASN A 311 10.65 8.45 10.82
N GLY A 312 11.25 9.12 9.82
CA GLY A 312 12.70 9.05 9.65
C GLY A 312 13.25 7.76 9.07
N ALA A 313 12.42 6.88 8.50
CA ALA A 313 12.90 5.63 7.95
C ALA A 313 12.15 5.23 6.71
N ILE A 314 12.82 4.48 5.83
CA ILE A 314 12.19 3.83 4.68
C ILE A 314 12.28 2.34 4.94
N ILE A 315 11.13 1.69 4.98
CA ILE A 315 11.11 0.24 5.28
C ILE A 315 10.86 -0.46 3.95
N ALA A 316 11.88 -1.06 3.38
CA ALA A 316 11.91 -1.41 1.97
C ALA A 316 11.96 -2.92 1.76
N PRO A 317 11.28 -3.42 0.73
CA PRO A 317 11.36 -4.86 0.44
C PRO A 317 12.75 -5.30 0.01
N GLN A 318 13.05 -6.55 0.32
CA GLN A 318 14.16 -7.32 -0.24
C GLN A 318 13.57 -8.67 -0.64
N PHE A 319 13.74 -9.04 -1.92
CA PHE A 319 13.03 -10.18 -2.47
C PHE A 319 13.90 -11.43 -2.60
N GLY A 320 15.17 -11.37 -2.19
CA GLY A 320 16.08 -12.46 -2.40
C GLY A 320 16.66 -12.47 -3.79
N ASP A 321 16.66 -11.34 -4.48
CA ASP A 321 17.29 -11.15 -5.80
C ASP A 321 18.41 -10.16 -5.50
N LYS A 322 19.62 -10.68 -5.28
CA LYS A 322 20.65 -9.85 -4.69
C LYS A 322 20.97 -8.61 -5.53
N LYS A 323 21.15 -8.79 -6.84
CA LYS A 323 21.51 -7.64 -7.68
C LYS A 323 20.51 -6.50 -7.51
N TRP A 324 19.21 -6.80 -7.64
CA TRP A 324 18.21 -5.74 -7.62
C TRP A 324 17.89 -5.32 -6.20
N ASP A 325 18.09 -6.22 -5.23
CA ASP A 325 17.84 -5.84 -3.82
C ASP A 325 18.88 -4.79 -3.41
N ASP A 326 20.15 -5.03 -3.77
CA ASP A 326 21.20 -4.08 -3.39
C ASP A 326 21.02 -2.78 -4.14
N GLU A 327 20.65 -2.86 -5.42
CA GLU A 327 20.45 -1.64 -6.19
C GLU A 327 19.29 -0.82 -5.62
N ALA A 328 18.19 -1.48 -5.17
CA ALA A 328 17.06 -0.73 -4.60
C ALA A 328 17.50 0.00 -3.34
N ILE A 329 18.31 -0.64 -2.48
CA ILE A 329 18.75 0.06 -1.28
C ILE A 329 19.60 1.26 -1.66
N ARG A 330 20.45 1.12 -2.69
CA ARG A 330 21.27 2.25 -3.12
C ARG A 330 20.39 3.39 -3.60
N VAL A 331 19.40 3.10 -4.46
CA VAL A 331 18.58 4.18 -4.99
C VAL A 331 17.73 4.80 -3.89
N LEU A 332 17.14 3.99 -3.01
CA LEU A 332 16.31 4.57 -1.96
C LEU A 332 17.15 5.40 -1.00
N SER A 333 18.40 4.97 -0.72
CA SER A 333 19.24 5.73 0.20
C SER A 333 19.60 7.10 -0.37
N LYS A 334 19.89 7.16 -1.67
CA LYS A 334 20.17 8.42 -2.36
C LYS A 334 18.92 9.29 -2.42
N THR A 335 17.77 8.68 -2.63
CA THR A 335 16.53 9.42 -2.84
C THR A 335 16.01 10.02 -1.54
N PHE A 336 16.26 9.36 -0.42
CA PHE A 336 15.77 9.80 0.90
C PHE A 336 16.99 10.01 1.78
N PRO A 337 17.79 11.06 1.53
CA PRO A 337 19.09 11.15 2.22
C PRO A 337 18.97 11.44 3.72
N HIS A 338 17.81 11.86 4.21
CA HIS A 338 17.60 12.12 5.62
C HIS A 338 16.84 11.03 6.31
N HIS A 339 16.63 9.91 5.65
CA HIS A 339 15.92 8.78 6.25
C HIS A 339 16.88 7.62 6.32
N GLU A 340 16.71 6.78 7.35
CA GLU A 340 17.42 5.51 7.42
C GLU A 340 16.68 4.48 6.58
N VAL A 341 17.33 3.88 5.62
CA VAL A 341 16.71 2.85 4.80
C VAL A 341 16.96 1.51 5.45
N VAL A 342 15.89 0.73 5.65
CA VAL A 342 15.94 -0.57 6.29
C VAL A 342 15.36 -1.61 5.31
N GLY A 343 16.21 -2.52 4.81
CA GLY A 343 15.72 -3.60 3.93
C GLY A 343 15.18 -4.75 4.75
N ILE A 344 14.03 -5.27 4.39
CA ILE A 344 13.43 -6.38 5.14
C ILE A 344 13.67 -7.70 4.41
N GLU A 345 14.53 -8.55 4.97
CA GLU A 345 14.75 -9.87 4.40
C GLU A 345 13.46 -10.67 4.41
N GLY A 346 13.24 -11.45 3.36
CA GLY A 346 12.08 -12.33 3.32
C GLY A 346 10.82 -11.69 2.79
N SER A 347 10.89 -10.48 2.21
CA SER A 347 9.69 -9.83 1.66
C SER A 347 9.07 -10.65 0.55
N ARG A 348 9.79 -11.57 -0.10
CA ARG A 348 9.18 -12.46 -1.07
C ARG A 348 7.99 -13.19 -0.43
N GLU A 349 8.05 -13.47 0.87
CA GLU A 349 6.95 -14.22 1.48
C GLU A 349 5.67 -13.39 1.52
N ILE A 350 5.74 -12.04 1.51
CA ILE A 350 4.53 -11.21 1.40
CA ILE A 350 4.50 -11.27 1.42
C ILE A 350 4.02 -11.24 -0.03
N VAL A 351 4.93 -11.07 -1.00
CA VAL A 351 4.53 -10.96 -2.38
C VAL A 351 3.97 -12.25 -2.92
N LEU A 352 4.32 -13.41 -2.34
CA LEU A 352 3.66 -14.64 -2.75
C LEU A 352 2.16 -14.57 -2.57
N SER A 353 1.67 -13.77 -1.63
CA SER A 353 0.24 -13.62 -1.39
C SER A 353 -0.29 -12.31 -1.93
N GLY A 354 0.48 -11.62 -2.76
CA GLY A 354 -0.07 -10.56 -3.59
C GLY A 354 0.21 -9.14 -3.14
N GLY A 355 1.09 -8.92 -2.16
CA GLY A 355 1.35 -7.56 -1.74
C GLY A 355 2.72 -7.45 -1.10
N ASN A 356 2.96 -6.31 -0.47
N ASN A 356 3.00 -6.29 -0.53
CA ASN A 356 4.28 -6.09 0.10
CA ASN A 356 4.27 -6.15 0.18
C ASN A 356 4.17 -5.19 1.33
C ASN A 356 4.14 -5.13 1.31
N ILE A 357 5.30 -4.59 1.75
CA ILE A 357 5.34 -3.80 2.98
C ILE A 357 4.35 -2.66 2.97
N HIS A 358 4.24 -1.93 1.86
CA HIS A 358 3.28 -0.84 1.87
C HIS A 358 1.86 -1.37 2.02
N CYS A 359 1.57 -2.53 1.45
CA CYS A 359 0.20 -3.10 1.51
C CYS A 359 -0.19 -3.54 2.92
N ILE A 360 0.78 -3.82 3.80
CA ILE A 360 0.41 -4.33 5.11
C ILE A 360 0.41 -3.25 6.19
N THR A 361 0.66 -1.98 5.84
CA THR A 361 0.75 -0.90 6.82
C THR A 361 -0.32 0.14 6.58
N GLN A 362 -0.63 0.91 7.64
CA GLN A 362 -1.49 2.09 7.49
C GLN A 362 -1.04 3.09 8.53
N GLN A 363 -0.46 4.22 8.14
CA GLN A 363 -0.01 5.22 9.10
C GLN A 363 -1.17 5.95 9.75
N GLN A 364 -0.95 6.37 10.99
CA GLN A 364 -1.87 7.28 11.65
C GLN A 364 -1.14 8.60 11.81
N PRO A 365 -1.55 9.66 11.14
CA PRO A 365 -0.79 10.93 11.26
C PRO A 365 -0.88 11.52 12.65
N ALA A 366 0.21 12.16 13.07
CA ALA A 366 0.24 12.90 14.32
C ALA A 366 -0.59 14.17 14.18
N ILE A 367 -1.10 14.63 15.30
CA ILE A 367 -1.83 15.90 15.36
C ILE A 367 -1.12 16.80 16.36
C1 GOL B . -5.89 3.41 24.37
O1 GOL B . -6.67 2.36 23.82
C2 GOL B . -6.25 4.67 23.64
O2 GOL B . -5.30 5.71 23.89
C3 GOL B . -6.39 4.38 22.15
O3 GOL B . -5.22 3.77 21.62
C1 GOL C . -16.18 15.91 2.73
O1 GOL C . -16.16 17.23 2.25
C2 GOL C . -16.08 15.91 4.25
O2 GOL C . -14.76 15.63 4.65
C3 GOL C . -17.08 14.98 4.91
O3 GOL C . -17.30 15.36 6.26
C1 GOL D . 10.92 13.22 2.02
O1 GOL D . 11.98 13.30 1.08
C2 GOL D . 10.83 14.58 2.70
O2 GOL D . 10.73 14.41 4.11
C3 GOL D . 9.60 15.25 2.06
O3 GOL D . 9.58 16.66 2.23
NA NA E . -9.17 -7.80 -8.75
NA NA F . 6.61 -10.86 22.64
C1 PEG G . -2.81 -4.94 -2.09
C1 PEG G . -2.27 -4.95 -2.10
O1 PEG G . -1.62 -4.16 -2.26
O1 PEG G . -2.78 -3.64 -2.27
C2 PEG G . -2.44 -6.40 -1.85
C2 PEG G . -3.27 -5.93 -1.53
O2 PEG G . -3.47 -7.24 -2.36
O2 PEG G . -3.37 -7.01 -2.45
C3 PEG G . -3.54 -8.47 -1.65
C3 PEG G . -3.17 -8.23 -1.79
C4 PEG G . -4.12 -9.56 -2.56
C4 PEG G . -4.49 -9.00 -1.72
O4 PEG G . -5.43 -9.18 -2.99
O4 PEG G . -5.15 -8.98 -2.99
#